data_4GJQ
#
_entry.id   4GJQ
#
_cell.length_a   50.959
_cell.length_b   95.474
_cell.length_c   132.390
_cell.angle_alpha   90.00
_cell.angle_beta   90.00
_cell.angle_gamma   90.00
#
_symmetry.space_group_name_H-M   'P 21 21 21'
#
loop_
_entity.id
_entity.type
_entity.pdbx_description
1 polymer 'Glycolipid transfer protein'
2 non-polymer (15Z)-N-((1S,2R,3E)-2-HYDROXY-1-{[(3-O-SULFO-BETA-D-GALACTOPYRANOSYL)OXY]METHYL}HEPTADEC-3-ENYL)TETRACOS-15-ENAMIDE
3 non-polymer HEXANE
4 water water
#
_entity_poly.entity_id   1
_entity_poly.type   'polypeptide(L)'
_entity_poly.pdbx_seq_one_letter_code
;MALLAEHLLKPLPADKQIETGPFLEAVSHLPPFFDCLGSPVFTPIKADISGNITKIKAVYDTNPAKFRTLQNILEVEKEM
YGAEWPKVGATLALMWLKRGLRFIQVFLQSICDGERDENHPNLIRVNATKAYEMALKKYHGWIVQKIFQAALYAAPYKSD
FLKALSKGQNVTEEECLEKIRLFLVNYTATIDVIYEMYTQMNAELNYKV
;
_entity_poly.pdbx_strand_id   A,B
#
loop_
_chem_comp.id
_chem_comp.type
_chem_comp.name
_chem_comp.formula
CIS non-polymer (15Z)-N-((1S,2R,3E)-2-HYDROXY-1-{[(3-O-SULFO-BETA-D-GALACTOPYRANOSYL)OXY]METHYL}HEPTADEC-3-ENYL)TETRACOS-15-ENAMIDE 'C48 H91 N O11 S'
HEX non-polymer HEXANE 'C6 H14'
#
# COMPACT_ATOMS: atom_id res chain seq x y z
N LEU A 8 15.84 -18.00 12.23
CA LEU A 8 16.58 -17.26 13.28
C LEU A 8 17.62 -16.33 12.65
N LEU A 9 17.51 -15.03 12.97
CA LEU A 9 18.62 -14.08 12.76
C LEU A 9 19.93 -14.56 13.44
N LYS A 10 21.07 -14.29 12.82
CA LYS A 10 22.38 -14.63 13.42
C LYS A 10 22.65 -13.69 14.60
N PRO A 11 23.41 -14.15 15.62
CA PRO A 11 23.69 -13.28 16.79
C PRO A 11 24.65 -12.12 16.46
N LEU A 12 24.63 -11.06 17.26
CA LEU A 12 25.51 -9.91 17.01
C LEU A 12 26.99 -10.27 17.23
N PRO A 13 27.86 -9.97 16.23
CA PRO A 13 29.28 -10.16 16.49
C PRO A 13 29.79 -9.14 17.52
N ALA A 14 31.07 -9.27 17.90
CA ALA A 14 31.64 -8.47 18.99
C ALA A 14 31.57 -6.96 18.67
N ASP A 15 31.93 -6.64 17.44
CA ASP A 15 31.95 -5.26 16.97
C ASP A 15 30.54 -4.71 16.74
N LYS A 16 29.51 -5.53 16.86
CA LYS A 16 28.11 -5.11 16.71
C LYS A 16 27.75 -4.57 15.31
N GLN A 17 28.51 -4.94 14.30
CA GLN A 17 28.17 -4.49 12.95
C GLN A 17 27.24 -5.52 12.36
N ILE A 18 26.30 -5.06 11.51
CA ILE A 18 25.30 -5.97 10.88
C ILE A 18 25.56 -6.03 9.40
N GLU A 19 25.92 -7.21 8.93
CA GLU A 19 26.15 -7.40 7.49
C GLU A 19 24.84 -7.28 6.77
N THR A 20 24.83 -6.44 5.76
CA THR A 20 23.62 -6.13 5.01
C THR A 20 22.95 -7.33 4.36
N GLY A 21 23.72 -8.09 3.58
CA GLY A 21 23.11 -9.16 2.79
C GLY A 21 22.37 -10.13 3.69
N PRO A 22 23.03 -10.62 4.74
CA PRO A 22 22.33 -11.58 5.59
C PRO A 22 21.19 -11.00 6.40
N PHE A 23 21.31 -9.73 6.82
CA PHE A 23 20.16 -9.02 7.45
C PHE A 23 18.94 -9.00 6.53
N LEU A 24 19.10 -8.55 5.29
CA LEU A 24 18.00 -8.52 4.30
C LEU A 24 17.37 -9.89 4.07
N GLU A 25 18.21 -10.93 4.05
CA GLU A 25 17.74 -12.27 3.80
C GLU A 25 16.83 -12.69 4.94
N ALA A 26 17.25 -12.38 6.16
CA ALA A 26 16.47 -12.81 7.31
C ALA A 26 15.16 -12.03 7.40
N VAL A 27 15.23 -10.69 7.26
CA VAL A 27 14.03 -9.88 7.45
C VAL A 27 13.03 -9.96 6.29
N SER A 28 13.48 -10.40 5.10
CA SER A 28 12.53 -10.69 4.02
C SER A 28 11.53 -11.78 4.40
N HIS A 29 11.81 -12.54 5.44
CA HIS A 29 10.86 -13.54 5.91
C HIS A 29 9.78 -12.96 6.81
N LEU A 30 9.86 -11.68 7.21
CA LEU A 30 8.90 -11.15 8.20
C LEU A 30 7.62 -10.44 7.76
N PRO A 31 7.61 -9.81 6.56
CA PRO A 31 6.34 -9.19 6.11
C PRO A 31 5.11 -10.07 6.20
N PRO A 32 5.24 -11.38 5.89
CA PRO A 32 4.10 -12.32 6.09
C PRO A 32 3.56 -12.38 7.54
N PHE A 33 4.31 -11.88 8.52
CA PHE A 33 3.79 -11.74 9.90
C PHE A 33 2.39 -11.11 9.86
N PHE A 34 2.25 -10.08 9.02
CA PHE A 34 1.01 -9.37 8.95
C PHE A 34 -0.10 -10.21 8.27
N ASP A 35 0.27 -11.16 7.44
CA ASP A 35 -0.74 -12.10 6.94
C ASP A 35 -1.35 -13.01 8.00
N CYS A 36 -0.63 -13.29 9.07
CA CYS A 36 -1.22 -14.02 10.19
C CYS A 36 -2.28 -13.22 10.93
N LEU A 37 -2.37 -11.90 10.73
CA LEU A 37 -3.45 -11.13 11.37
C LEU A 37 -4.81 -11.46 10.80
N GLY A 38 -4.83 -12.05 9.59
CA GLY A 38 -6.05 -12.61 9.03
C GLY A 38 -7.00 -11.70 8.26
N SER A 39 -6.54 -10.53 7.80
CA SER A 39 -7.41 -9.59 7.09
C SER A 39 -6.66 -8.74 6.06
N PRO A 40 -7.30 -8.49 4.89
CA PRO A 40 -6.71 -7.63 3.88
C PRO A 40 -6.46 -6.19 4.38
N VAL A 41 -7.13 -5.81 5.44
CA VAL A 41 -6.82 -4.53 6.06
C VAL A 41 -5.33 -4.32 6.35
N PHE A 42 -4.59 -5.39 6.60
CA PHE A 42 -3.20 -5.27 6.99
C PHE A 42 -2.23 -5.41 5.81
N THR A 43 -2.74 -5.64 4.60
CA THR A 43 -1.87 -5.74 3.44
C THR A 43 -0.99 -4.53 3.15
N PRO A 44 -1.53 -3.31 3.29
CA PRO A 44 -0.62 -2.19 3.05
C PRO A 44 0.56 -2.12 3.99
N ILE A 45 0.43 -2.75 5.18
CA ILE A 45 1.53 -2.69 6.15
C ILE A 45 2.67 -3.60 5.65
N LYS A 46 2.27 -4.81 5.29
CA LYS A 46 3.17 -5.75 4.67
C LYS A 46 3.87 -5.11 3.47
N ALA A 47 3.09 -4.43 2.62
CA ALA A 47 3.64 -3.84 1.42
C ALA A 47 4.64 -2.74 1.83
N ASP A 48 4.36 -2.00 2.90
CA ASP A 48 5.28 -0.88 3.27
C ASP A 48 6.63 -1.45 3.74
N ILE A 49 6.60 -2.48 4.57
CA ILE A 49 7.81 -3.09 5.10
C ILE A 49 8.61 -3.77 3.97
N SER A 50 7.89 -4.44 3.07
CA SER A 50 8.54 -5.09 1.94
C SER A 50 9.21 -4.08 1.08
N GLY A 51 8.48 -2.99 0.79
CA GLY A 51 9.02 -1.81 0.07
C GLY A 51 10.36 -1.35 0.60
N ASN A 52 10.45 -1.24 1.95
CA ASN A 52 11.68 -0.77 2.53
C ASN A 52 12.78 -1.78 2.22
N ILE A 53 12.49 -3.04 2.50
CA ILE A 53 13.44 -4.11 2.27
C ILE A 53 13.90 -4.13 0.83
N THR A 54 12.97 -4.07 -0.09
CA THR A 54 13.32 -4.00 -1.53
C THR A 54 14.28 -2.84 -1.84
N LYS A 55 13.99 -1.68 -1.29
CA LYS A 55 14.83 -0.52 -1.57
C LYS A 55 16.21 -0.64 -0.98
N ILE A 56 16.34 -1.20 0.23
CA ILE A 56 17.66 -1.37 0.82
C ILE A 56 18.45 -2.37 -0.03
N LYS A 57 17.83 -3.50 -0.37
CA LYS A 57 18.42 -4.53 -1.31
C LYS A 57 18.91 -3.92 -2.66
N ALA A 58 18.09 -3.09 -3.27
CA ALA A 58 18.45 -2.40 -4.52
C ALA A 58 19.74 -1.60 -4.30
N VAL A 59 19.84 -0.85 -3.18
CA VAL A 59 21.04 -0.03 -2.96
C VAL A 59 22.25 -0.97 -2.77
N TYR A 60 22.06 -2.00 -1.95
CA TYR A 60 23.07 -2.99 -1.66
C TYR A 60 23.65 -3.64 -2.94
N ASP A 61 22.72 -4.08 -3.78
CA ASP A 61 23.10 -4.69 -5.03
C ASP A 61 23.85 -3.75 -5.96
N THR A 62 23.76 -2.43 -5.81
CA THR A 62 24.55 -1.57 -6.70
C THR A 62 26.03 -1.73 -6.36
N ASN A 63 26.35 -2.14 -5.12
CA ASN A 63 27.76 -2.30 -4.76
C ASN A 63 27.94 -2.96 -3.40
N PRO A 64 27.79 -4.32 -3.35
CA PRO A 64 27.79 -5.13 -2.12
C PRO A 64 29.01 -4.98 -1.24
N ALA A 65 30.16 -4.69 -1.85
CA ALA A 65 31.38 -4.52 -1.05
C ALA A 65 31.29 -3.20 -0.30
N LYS A 66 30.84 -2.15 -0.98
CA LYS A 66 30.81 -0.82 -0.39
C LYS A 66 29.72 -0.71 0.71
N PHE A 67 28.62 -1.42 0.53
CA PHE A 67 27.49 -1.40 1.43
C PHE A 67 27.45 -2.73 2.16
N ARG A 68 28.61 -3.26 2.54
CA ARG A 68 28.69 -4.57 3.23
C ARG A 68 27.91 -4.65 4.56
N THR A 69 27.92 -3.55 5.33
CA THR A 69 27.17 -3.49 6.58
C THR A 69 26.11 -2.36 6.54
N LEU A 70 25.16 -2.37 7.45
CA LEU A 70 24.15 -1.33 7.50
C LEU A 70 24.81 0.02 7.82
N GLN A 71 25.80 0.01 8.73
CA GLN A 71 26.65 1.15 8.92
C GLN A 71 27.30 1.64 7.63
N ASN A 72 27.76 0.77 6.73
CA ASN A 72 28.34 1.28 5.51
C ASN A 72 27.25 2.05 4.77
N ILE A 73 26.02 1.54 4.80
CA ILE A 73 24.96 2.19 4.05
C ILE A 73 24.77 3.61 4.53
N LEU A 74 24.69 3.83 5.86
CA LEU A 74 24.44 5.17 6.33
C LEU A 74 25.61 6.13 6.01
N GLU A 75 26.86 5.68 6.25
CA GLU A 75 27.99 6.60 6.13
C GLU A 75 28.21 6.92 4.63
N VAL A 76 28.09 5.91 3.76
CA VAL A 76 28.28 6.15 2.35
C VAL A 76 27.19 7.08 1.87
N GLU A 77 25.93 6.82 2.22
CA GLU A 77 24.86 7.69 1.72
C GLU A 77 24.96 9.11 2.26
N LYS A 78 25.40 9.25 3.48
CA LYS A 78 25.60 10.59 4.01
C LYS A 78 26.47 11.48 3.11
N GLU A 79 27.52 10.92 2.53
CA GLU A 79 28.43 11.70 1.65
C GLU A 79 27.79 11.85 0.31
N MET A 80 27.16 10.78 -0.13
CA MET A 80 26.58 10.77 -1.45
C MET A 80 25.40 11.76 -1.62
N TYR A 81 24.63 12.01 -0.58
CA TYR A 81 23.47 12.92 -0.64
C TYR A 81 23.57 14.22 0.16
N GLY A 82 24.64 14.43 0.92
CA GLY A 82 24.83 15.69 1.63
C GLY A 82 23.59 16.20 2.38
N ALA A 83 23.05 17.33 1.95
CA ALA A 83 22.04 18.04 2.71
C ALA A 83 20.67 17.35 2.66
N GLU A 84 20.49 16.43 1.71
CA GLU A 84 19.29 15.62 1.66
C GLU A 84 19.27 14.51 2.72
N TRP A 85 20.45 14.03 3.09
CA TRP A 85 20.59 12.92 4.03
C TRP A 85 20.18 13.42 5.42
N PRO A 86 19.50 12.59 6.24
CA PRO A 86 19.16 11.15 6.11
C PRO A 86 17.81 10.84 5.48
N LYS A 87 17.11 11.82 4.88
CA LYS A 87 15.75 11.61 4.36
C LYS A 87 15.85 11.19 2.92
N VAL A 88 16.61 10.12 2.67
CA VAL A 88 16.94 9.70 1.31
C VAL A 88 17.29 8.24 1.34
N GLY A 89 17.06 7.57 0.21
CA GLY A 89 17.73 6.28 -0.10
C GLY A 89 17.49 5.16 0.89
N ALA A 90 18.49 4.29 1.04
CA ALA A 90 18.35 3.16 1.95
C ALA A 90 18.35 3.64 3.39
N THR A 91 18.98 4.78 3.69
CA THR A 91 18.97 5.30 5.10
C THR A 91 17.51 5.55 5.55
N LEU A 92 16.69 6.15 4.67
CA LEU A 92 15.31 6.42 5.02
C LEU A 92 14.46 5.16 5.07
N ALA A 93 14.74 4.22 4.16
CA ALA A 93 13.99 3.01 4.09
C ALA A 93 14.23 2.21 5.39
N LEU A 94 15.47 2.16 5.83
CA LEU A 94 15.87 1.43 7.07
C LEU A 94 15.35 2.17 8.31
N MET A 95 15.22 3.49 8.22
CA MET A 95 14.69 4.29 9.33
C MET A 95 13.27 3.91 9.59
N TRP A 96 12.52 3.66 8.52
CA TRP A 96 11.16 3.20 8.67
C TRP A 96 11.04 1.71 9.00
N LEU A 97 11.83 0.89 8.29
CA LEU A 97 11.85 -0.57 8.51
C LEU A 97 12.07 -0.90 10.01
N LYS A 98 13.05 -0.24 10.62
CA LYS A 98 13.37 -0.53 12.04
C LYS A 98 12.16 -0.30 12.92
N ARG A 99 11.29 0.65 12.55
CA ARG A 99 10.06 0.95 13.32
C ARG A 99 9.02 -0.13 13.23
N GLY A 100 8.80 -0.61 12.02
CA GLY A 100 8.01 -1.81 11.89
C GLY A 100 8.56 -3.04 12.58
N LEU A 101 9.86 -3.24 12.47
CA LEU A 101 10.51 -4.39 13.06
C LEU A 101 10.39 -4.30 14.61
N ARG A 102 10.50 -3.10 15.14
CA ARG A 102 10.30 -2.81 16.58
C ARG A 102 8.86 -3.09 16.99
N PHE A 103 7.90 -2.71 16.14
CA PHE A 103 6.50 -3.06 16.41
C PHE A 103 6.36 -4.55 16.57
N ILE A 104 6.86 -5.31 15.62
CA ILE A 104 6.75 -6.77 15.70
C ILE A 104 7.43 -7.29 17.04
N GLN A 105 8.57 -6.74 17.37
CA GLN A 105 9.27 -7.14 18.59
C GLN A 105 8.47 -6.85 19.88
N VAL A 106 8.00 -5.62 20.04
CA VAL A 106 7.28 -5.23 21.24
C VAL A 106 6.00 -6.04 21.30
N PHE A 107 5.37 -6.21 20.14
CA PHE A 107 4.11 -6.95 20.07
C PHE A 107 4.25 -8.39 20.55
N LEU A 108 5.22 -9.09 19.96
CA LEU A 108 5.40 -10.50 20.28
C LEU A 108 5.92 -10.66 21.75
N GLN A 109 6.77 -9.74 22.19
CA GLN A 109 7.34 -9.77 23.54
C GLN A 109 6.21 -9.66 24.57
N SER A 110 5.35 -8.67 24.34
CA SER A 110 4.16 -8.47 25.13
C SER A 110 3.30 -9.70 25.19
N ILE A 111 3.01 -10.31 24.06
CA ILE A 111 2.23 -11.54 24.11
C ILE A 111 2.93 -12.63 24.99
N CYS A 112 4.24 -12.76 24.84
CA CYS A 112 4.99 -13.83 25.45
C CYS A 112 5.11 -13.65 26.95
N ASP A 113 5.17 -12.39 27.37
CA ASP A 113 5.15 -11.99 28.75
C ASP A 113 3.75 -11.98 29.42
N GLY A 114 2.72 -12.29 28.65
CA GLY A 114 1.38 -12.49 29.18
C GLY A 114 0.66 -11.21 29.51
N GLU A 115 1.11 -10.08 28.95
CA GLU A 115 0.37 -8.84 29.13
C GLU A 115 -0.95 -9.03 28.44
N ARG A 116 -2.03 -8.56 29.06
CA ARG A 116 -3.38 -8.69 28.50
C ARG A 116 -4.42 -7.92 29.33
N ASP A 117 -5.65 -7.96 28.83
CA ASP A 117 -6.80 -7.37 29.46
C ASP A 117 -7.45 -8.58 30.10
N GLU A 118 -7.45 -8.64 31.45
CA GLU A 118 -7.95 -9.82 32.17
C GLU A 118 -9.37 -10.13 31.79
N ASN A 119 -10.17 -9.08 31.54
CA ASN A 119 -11.58 -9.27 31.12
C ASN A 119 -11.74 -9.79 29.69
N HIS A 120 -10.73 -9.60 28.85
CA HIS A 120 -10.77 -10.04 27.44
C HIS A 120 -9.40 -10.60 27.05
N PRO A 121 -9.00 -11.72 27.69
CA PRO A 121 -7.64 -12.21 27.56
C PRO A 121 -7.29 -12.68 26.14
N ASN A 122 -8.28 -13.02 25.32
CA ASN A 122 -8.05 -13.54 23.98
C ASN A 122 -8.16 -12.50 22.81
N LEU A 123 -8.17 -11.23 23.17
CA LEU A 123 -8.00 -10.13 22.24
C LEU A 123 -6.52 -9.80 22.12
N ILE A 124 -6.17 -8.93 21.17
CA ILE A 124 -4.78 -8.51 21.07
C ILE A 124 -4.63 -7.02 21.15
N ARG A 125 -5.72 -6.35 21.48
CA ARG A 125 -5.73 -4.91 21.54
C ARG A 125 -4.66 -4.30 22.46
N VAL A 126 -4.52 -4.77 23.71
CA VAL A 126 -3.58 -4.10 24.60
C VAL A 126 -2.14 -4.28 24.07
N ASN A 127 -1.83 -5.46 23.57
CA ASN A 127 -0.48 -5.74 23.00
C ASN A 127 -0.13 -4.92 21.73
N ALA A 128 -1.06 -4.87 20.77
CA ALA A 128 -0.86 -4.11 19.53
C ALA A 128 -0.80 -2.64 19.86
N THR A 129 -1.60 -2.21 20.84
CA THR A 129 -1.67 -0.81 21.20
C THR A 129 -0.37 -0.37 21.87
N LYS A 130 0.17 -1.25 22.74
CA LYS A 130 1.49 -1.08 23.35
C LYS A 130 2.59 -0.99 22.31
N ALA A 131 2.64 -1.98 21.40
CA ALA A 131 3.62 -1.97 20.31
C ALA A 131 3.53 -0.70 19.50
N TYR A 132 2.30 -0.32 19.19
CA TYR A 132 2.11 0.84 18.36
C TYR A 132 2.64 2.08 19.06
N GLU A 133 2.23 2.23 20.31
CA GLU A 133 2.74 3.34 21.15
C GLU A 133 4.24 3.46 21.16
N MET A 134 4.93 2.34 21.36
CA MET A 134 6.38 2.36 21.52
C MET A 134 7.16 2.40 20.22
N ALA A 135 6.56 1.94 19.12
CA ALA A 135 7.25 1.80 17.83
C ALA A 135 6.89 2.91 16.82
N LEU A 136 5.59 3.20 16.68
CA LEU A 136 5.15 4.08 15.59
C LEU A 136 4.43 5.35 15.92
N LYS A 137 3.71 5.41 17.05
CA LYS A 137 2.73 6.49 17.30
C LYS A 137 3.33 7.88 17.14
N LYS A 138 4.52 8.07 17.68
CA LYS A 138 5.20 9.35 17.60
C LYS A 138 5.38 9.85 16.15
N TYR A 139 5.39 8.96 15.15
CA TYR A 139 5.69 9.36 13.75
C TYR A 139 4.43 9.38 12.91
N HIS A 140 3.28 9.27 13.56
CA HIS A 140 2.01 9.37 12.88
C HIS A 140 1.14 10.58 13.32
N GLY A 141 0.73 11.42 12.37
CA GLY A 141 -0.33 12.41 12.54
C GLY A 141 -1.64 11.81 13.04
N TRP A 142 -2.60 12.65 13.35
CA TRP A 142 -3.79 12.16 14.03
C TRP A 142 -4.66 11.36 13.08
N ILE A 143 -4.57 11.63 11.78
CA ILE A 143 -5.41 10.92 10.81
C ILE A 143 -4.96 9.46 10.68
N VAL A 144 -3.66 9.24 10.54
CA VAL A 144 -3.09 7.89 10.51
C VAL A 144 -3.35 7.14 11.84
N GLN A 145 -3.30 7.88 12.96
CA GLN A 145 -3.67 7.23 14.25
C GLN A 145 -5.12 6.78 14.31
N LYS A 146 -6.05 7.56 13.76
CA LYS A 146 -7.45 7.17 13.66
C LYS A 146 -7.62 5.94 12.73
N ILE A 147 -6.80 5.88 11.67
CA ILE A 147 -6.78 4.70 10.80
C ILE A 147 -6.28 3.47 11.55
N PHE A 148 -5.24 3.61 12.39
CA PHE A 148 -4.73 2.51 13.25
C PHE A 148 -5.82 1.93 14.12
N GLN A 149 -6.51 2.83 14.78
CA GLN A 149 -7.67 2.51 15.62
C GLN A 149 -8.76 1.75 14.90
N ALA A 150 -9.13 2.17 13.68
CA ALA A 150 -10.08 1.41 12.86
C ALA A 150 -9.60 0.00 12.53
N ALA A 151 -8.33 -0.11 12.20
CA ALA A 151 -7.73 -1.35 11.78
C ALA A 151 -7.71 -2.35 12.90
N LEU A 152 -7.64 -1.88 14.13
CA LEU A 152 -7.66 -2.79 15.29
C LEU A 152 -8.93 -3.61 15.36
N TYR A 153 -10.04 -3.08 14.83
CA TYR A 153 -11.27 -3.86 14.73
C TYR A 153 -11.18 -5.03 13.75
N ALA A 154 -10.12 -5.05 12.92
CA ALA A 154 -9.81 -6.20 12.05
C ALA A 154 -8.87 -7.20 12.66
N ALA A 155 -8.41 -6.97 13.88
CA ALA A 155 -7.42 -7.83 14.50
C ALA A 155 -8.02 -9.20 14.74
N PRO A 156 -7.20 -10.24 14.69
CA PRO A 156 -7.69 -11.57 15.02
C PRO A 156 -7.78 -11.78 16.54
N TYR A 157 -8.42 -12.88 16.91
CA TYR A 157 -8.22 -13.43 18.25
C TYR A 157 -6.75 -13.85 18.46
N LYS A 158 -6.22 -13.62 19.67
CA LYS A 158 -4.87 -14.03 20.00
C LYS A 158 -4.62 -15.49 19.63
N SER A 159 -5.51 -16.37 20.10
CA SER A 159 -5.40 -17.80 19.81
C SER A 159 -5.32 -18.09 18.31
N ASP A 160 -6.14 -17.41 17.52
CA ASP A 160 -6.09 -17.54 16.07
C ASP A 160 -4.82 -17.03 15.47
N PHE A 161 -4.31 -15.89 15.97
CA PHE A 161 -3.06 -15.35 15.46
C PHE A 161 -1.93 -16.31 15.76
N LEU A 162 -1.89 -16.89 16.98
CA LEU A 162 -0.78 -17.78 17.34
C LEU A 162 -0.85 -19.05 16.49
N LYS A 163 -2.07 -19.45 16.15
CA LYS A 163 -2.27 -20.62 15.28
C LYS A 163 -1.74 -20.35 13.84
N ALA A 164 -2.10 -19.19 13.29
CA ALA A 164 -1.53 -18.73 12.00
C ALA A 164 -0.01 -18.59 12.07
N LEU A 165 0.53 -18.00 13.13
CA LEU A 165 2.00 -17.95 13.27
C LEU A 165 2.72 -19.28 13.09
N SER A 166 2.06 -20.41 13.40
CA SER A 166 2.55 -21.75 12.98
C SER A 166 2.31 -22.04 11.47
N VAL A 171 2.44 -29.47 17.75
CA VAL A 171 3.01 -28.14 17.67
C VAL A 171 2.14 -27.20 18.52
N THR A 172 2.23 -27.29 19.85
CA THR A 172 1.23 -26.72 20.78
C THR A 172 1.33 -25.20 20.88
N GLU A 173 0.41 -24.58 21.61
CA GLU A 173 0.44 -23.12 21.77
C GLU A 173 1.44 -22.67 22.84
N GLU A 174 1.65 -23.50 23.86
CA GLU A 174 2.55 -23.17 24.92
C GLU A 174 3.97 -23.11 24.33
N GLU A 175 4.27 -24.01 23.40
CA GLU A 175 5.55 -24.00 22.70
C GLU A 175 5.69 -22.87 21.66
N CYS A 176 4.56 -22.47 21.08
CA CYS A 176 4.59 -21.47 20.02
C CYS A 176 5.23 -20.26 20.60
N LEU A 177 4.71 -19.91 21.78
CA LEU A 177 5.23 -18.86 22.62
C LEU A 177 6.70 -19.08 22.90
N GLU A 178 7.11 -20.34 23.09
CA GLU A 178 8.53 -20.57 23.40
C GLU A 178 9.43 -20.40 22.15
N LYS A 179 8.93 -20.81 20.98
CA LYS A 179 9.64 -20.58 19.73
C LYS A 179 9.85 -19.09 19.54
N ILE A 180 8.80 -18.34 19.85
CA ILE A 180 8.80 -16.90 19.72
C ILE A 180 9.79 -16.28 20.69
N ARG A 181 9.81 -16.75 21.93
CA ARG A 181 10.80 -16.22 22.86
C ARG A 181 12.22 -16.45 22.37
N LEU A 182 12.45 -17.61 21.76
CA LEU A 182 13.77 -17.93 21.21
C LEU A 182 14.10 -16.98 20.04
N PHE A 183 13.14 -16.78 19.14
CA PHE A 183 13.28 -15.79 18.05
C PHE A 183 13.65 -14.40 18.60
N LEU A 184 12.98 -13.98 19.66
CA LEU A 184 13.08 -12.60 20.12
C LEU A 184 14.47 -12.21 20.60
N VAL A 185 15.32 -13.17 20.98
CA VAL A 185 16.64 -12.85 21.52
C VAL A 185 17.53 -12.06 20.54
N ASN A 186 17.98 -12.68 19.47
CA ASN A 186 18.84 -12.02 18.50
C ASN A 186 18.09 -10.93 17.73
N TYR A 187 16.78 -11.10 17.57
CA TYR A 187 15.96 -10.09 16.88
C TYR A 187 15.99 -8.76 17.69
N THR A 188 15.67 -8.83 18.99
CA THR A 188 15.70 -7.64 19.85
C THR A 188 17.07 -7.04 19.83
N ALA A 189 18.10 -7.87 19.94
CA ALA A 189 19.46 -7.38 20.02
C ALA A 189 19.84 -6.64 18.73
N THR A 190 19.51 -7.22 17.58
CA THR A 190 19.76 -6.58 16.28
C THR A 190 19.01 -5.24 16.10
N ILE A 191 17.70 -5.23 16.41
CA ILE A 191 16.92 -4.00 16.30
C ILE A 191 17.51 -2.90 17.19
N ASP A 192 17.89 -3.23 18.43
CA ASP A 192 18.56 -2.27 19.35
C ASP A 192 19.80 -1.68 18.75
N VAL A 193 20.62 -2.52 18.15
CA VAL A 193 21.84 -2.03 17.54
C VAL A 193 21.47 -1.04 16.40
N ILE A 194 20.41 -1.33 15.66
CA ILE A 194 20.11 -0.46 14.50
C ILE A 194 19.64 0.93 15.01
N TYR A 195 18.79 0.92 16.02
CA TYR A 195 18.31 2.16 16.65
C TYR A 195 19.46 2.99 17.22
N GLU A 196 20.38 2.33 17.91
CA GLU A 196 21.53 3.03 18.50
C GLU A 196 22.41 3.58 17.37
N MET A 197 22.57 2.82 16.29
CA MET A 197 23.27 3.38 15.13
C MET A 197 22.63 4.69 14.62
N TYR A 198 21.30 4.73 14.48
CA TYR A 198 20.67 5.94 13.99
C TYR A 198 20.90 7.13 14.92
N THR A 199 20.85 6.84 16.20
CA THR A 199 21.02 7.86 17.26
C THR A 199 22.44 8.36 17.17
N GLN A 200 23.42 7.45 17.14
CA GLN A 200 24.84 7.85 17.08
C GLN A 200 25.18 8.65 15.83
N MET A 201 24.52 8.38 14.70
CA MET A 201 24.86 9.07 13.46
C MET A 201 23.95 10.26 13.21
N ASN A 202 23.07 10.54 14.15
CA ASN A 202 22.08 11.61 14.04
C ASN A 202 21.25 11.47 12.77
N ALA A 203 20.93 10.22 12.42
CA ALA A 203 20.20 9.82 11.21
C ALA A 203 18.70 9.63 11.47
N GLU A 204 18.29 9.67 12.73
CA GLU A 204 16.90 9.65 13.12
C GLU A 204 16.14 10.93 12.79
N LEU A 205 14.98 10.77 12.18
CA LEU A 205 14.09 11.89 11.97
C LEU A 205 12.79 11.69 12.72
N ASN A 206 12.01 12.74 12.79
CA ASN A 206 10.83 12.79 13.66
C ASN A 206 9.61 13.32 12.96
N TYR A 207 9.69 13.50 11.66
CA TYR A 207 8.55 14.03 10.97
C TYR A 207 7.44 13.01 11.08
N LYS A 208 6.22 13.49 10.93
CA LYS A 208 5.05 12.67 11.11
C LYS A 208 4.37 12.45 9.76
N VAL A 209 3.81 11.26 9.56
CA VAL A 209 3.05 10.97 8.34
C VAL A 209 1.56 11.29 8.56
N LEU B 8 -4.46 11.38 -23.37
CA LEU B 8 -5.84 11.01 -23.74
C LEU B 8 -5.89 9.56 -24.18
N LEU B 9 -7.00 8.92 -23.89
CA LEU B 9 -7.21 7.55 -24.31
C LEU B 9 -7.60 7.50 -25.77
N LYS B 10 -7.12 6.50 -26.49
CA LYS B 10 -7.57 6.20 -27.85
C LYS B 10 -9.08 6.09 -27.90
N PRO B 11 -9.70 6.46 -29.04
CA PRO B 11 -11.15 6.38 -29.12
C PRO B 11 -11.60 4.93 -29.16
N LEU B 12 -12.87 4.69 -28.89
CA LEU B 12 -13.47 3.38 -29.09
C LEU B 12 -13.61 3.09 -30.59
N PRO B 13 -13.12 1.91 -31.06
CA PRO B 13 -13.45 1.44 -32.41
C PRO B 13 -14.91 0.96 -32.56
N ALA B 14 -15.30 0.59 -33.79
CA ALA B 14 -16.66 0.17 -34.05
C ALA B 14 -16.95 -1.12 -33.29
N ASP B 15 -16.00 -2.05 -33.34
CA ASP B 15 -16.12 -3.33 -32.64
C ASP B 15 -16.00 -3.24 -31.08
N LYS B 16 -15.75 -2.03 -30.57
CA LYS B 16 -15.51 -1.81 -29.13
C LYS B 16 -14.47 -2.74 -28.48
N GLN B 17 -13.51 -3.27 -29.24
CA GLN B 17 -12.45 -4.09 -28.64
C GLN B 17 -11.33 -3.20 -28.18
N ILE B 18 -10.97 -3.29 -26.90
CA ILE B 18 -9.95 -2.39 -26.32
C ILE B 18 -8.59 -3.07 -26.43
N GLU B 19 -7.68 -2.37 -27.08
CA GLU B 19 -6.33 -2.89 -27.29
C GLU B 19 -5.55 -2.81 -25.99
N THR B 20 -5.04 -3.96 -25.54
CA THR B 20 -4.38 -4.12 -24.25
C THR B 20 -3.17 -3.19 -24.14
N GLY B 21 -2.36 -3.09 -25.18
CA GLY B 21 -1.11 -2.32 -25.08
C GLY B 21 -1.28 -0.81 -24.87
N PRO B 22 -2.11 -0.16 -25.70
CA PRO B 22 -2.34 1.28 -25.51
C PRO B 22 -3.06 1.58 -24.23
N PHE B 23 -4.04 0.77 -23.89
CA PHE B 23 -4.84 1.07 -22.75
C PHE B 23 -3.90 1.12 -21.55
N LEU B 24 -3.06 0.10 -21.41
CA LEU B 24 -2.18 -0.08 -20.31
C LEU B 24 -1.19 1.09 -20.25
N GLU B 25 -0.79 1.56 -21.43
CA GLU B 25 0.13 2.68 -21.53
C GLU B 25 -0.58 3.96 -21.06
N ALA B 26 -1.85 4.13 -21.44
CA ALA B 26 -2.62 5.33 -21.01
C ALA B 26 -2.93 5.33 -19.51
N VAL B 27 -3.36 4.20 -18.95
CA VAL B 27 -3.77 4.18 -17.52
C VAL B 27 -2.55 4.21 -16.61
N SER B 28 -1.41 3.83 -17.16
CA SER B 28 -0.13 3.97 -16.48
C SER B 28 0.10 5.41 -15.99
N HIS B 29 -0.51 6.37 -16.64
CA HIS B 29 -0.32 7.74 -16.22
C HIS B 29 -1.21 8.11 -15.03
N LEU B 30 -2.11 7.22 -14.61
CA LEU B 30 -3.12 7.63 -13.66
C LEU B 30 -2.78 7.43 -12.19
N PRO B 31 -1.96 6.44 -11.84
CA PRO B 31 -1.73 6.35 -10.39
C PRO B 31 -1.26 7.63 -9.70
N PRO B 32 -0.40 8.44 -10.36
CA PRO B 32 0.05 9.71 -9.78
C PRO B 32 -1.08 10.68 -9.45
N PHE B 33 -2.29 10.39 -9.92
CA PHE B 33 -3.51 11.16 -9.57
C PHE B 33 -3.66 11.38 -8.07
N PHE B 34 -3.45 10.26 -7.36
CA PHE B 34 -3.56 10.19 -5.92
C PHE B 34 -2.46 10.98 -5.26
N ASP B 35 -1.33 11.21 -5.95
CA ASP B 35 -0.26 12.05 -5.37
C ASP B 35 -0.73 13.50 -5.36
N CYS B 36 -1.64 13.83 -6.28
CA CYS B 36 -2.19 15.18 -6.30
C CYS B 36 -3.13 15.43 -5.15
N LEU B 37 -3.48 14.41 -4.37
CA LEU B 37 -4.34 14.61 -3.20
C LEU B 37 -3.54 15.14 -2.04
N GLY B 38 -2.23 15.02 -2.11
CA GLY B 38 -1.34 15.68 -1.15
C GLY B 38 -1.15 15.05 0.20
N SER B 39 -1.35 13.74 0.34
CA SER B 39 -1.15 13.12 1.64
C SER B 39 -0.70 11.71 1.43
N PRO B 40 0.20 11.26 2.31
CA PRO B 40 0.71 9.89 2.35
C PRO B 40 -0.41 8.90 2.61
N VAL B 41 -1.53 9.40 3.11
CA VAL B 41 -2.65 8.54 3.40
C VAL B 41 -3.15 7.89 2.14
N PHE B 42 -3.02 8.54 0.97
CA PHE B 42 -3.52 7.95 -0.26
C PHE B 42 -2.54 7.00 -1.02
N THR B 43 -1.32 6.88 -0.48
CA THR B 43 -0.28 6.04 -1.09
C THR B 43 -0.70 4.59 -1.35
N PRO B 44 -1.39 3.96 -0.42
CA PRO B 44 -1.76 2.55 -0.63
C PRO B 44 -2.77 2.38 -1.76
N ILE B 45 -3.51 3.47 -2.03
CA ILE B 45 -4.43 3.45 -3.15
C ILE B 45 -3.68 3.55 -4.46
N LYS B 46 -2.73 4.50 -4.52
CA LYS B 46 -1.80 4.51 -5.62
C LYS B 46 -1.16 3.11 -5.89
N ALA B 47 -0.66 2.49 -4.83
CA ALA B 47 0.05 1.22 -4.92
C ALA B 47 -0.86 0.12 -5.39
N ASP B 48 -2.12 0.13 -4.94
CA ASP B 48 -3.02 -0.92 -5.36
C ASP B 48 -3.37 -0.83 -6.87
N ILE B 49 -3.67 0.36 -7.37
CA ILE B 49 -4.01 0.55 -8.79
C ILE B 49 -2.77 0.27 -9.67
N SER B 50 -1.61 0.78 -9.25
CA SER B 50 -0.35 0.41 -9.92
C SER B 50 -0.10 -1.10 -9.99
N GLY B 51 -0.28 -1.77 -8.86
CA GLY B 51 -0.23 -3.23 -8.78
C GLY B 51 -1.08 -3.92 -9.88
N ASN B 52 -2.34 -3.51 -10.01
CA ASN B 52 -3.21 -4.08 -11.02
C ASN B 52 -2.59 -3.90 -12.43
N ILE B 53 -2.10 -2.68 -12.70
CA ILE B 53 -1.61 -2.32 -14.03
C ILE B 53 -0.40 -3.17 -14.34
N THR B 54 0.44 -3.34 -13.34
CA THR B 54 1.64 -4.11 -13.48
C THR B 54 1.35 -5.60 -13.78
N LYS B 55 0.32 -6.13 -13.13
CA LYS B 55 0.00 -7.54 -13.21
C LYS B 55 -0.61 -7.86 -14.56
N ILE B 56 -1.43 -6.94 -15.06
CA ILE B 56 -2.02 -7.07 -16.40
C ILE B 56 -0.88 -7.04 -17.46
N LYS B 57 0.10 -6.17 -17.26
CA LYS B 57 1.27 -6.06 -18.14
C LYS B 57 2.08 -7.36 -18.13
N ALA B 58 2.28 -7.95 -16.95
CA ALA B 58 3.04 -9.20 -16.82
C ALA B 58 2.37 -10.35 -17.56
N VAL B 59 1.04 -10.47 -17.46
CA VAL B 59 0.33 -11.45 -18.26
C VAL B 59 0.43 -11.14 -19.76
N TYR B 60 0.20 -9.89 -20.16
CA TYR B 60 0.22 -9.50 -21.57
C TYR B 60 1.61 -9.71 -22.18
N ASP B 61 2.62 -9.19 -21.48
CA ASP B 61 3.98 -9.35 -21.99
C ASP B 61 4.33 -10.81 -22.35
N THR B 62 3.74 -11.80 -21.67
CA THR B 62 4.00 -13.22 -21.99
C THR B 62 3.58 -13.59 -23.42
N ASN B 63 2.70 -12.78 -24.01
CA ASN B 63 2.26 -13.01 -25.40
C ASN B 63 1.40 -11.90 -25.95
N PRO B 64 2.01 -10.77 -26.34
CA PRO B 64 1.19 -9.68 -26.81
C PRO B 64 0.13 -10.15 -27.74
N ALA B 65 0.50 -11.01 -28.70
CA ALA B 65 -0.45 -11.45 -29.69
C ALA B 65 -1.70 -12.15 -29.12
N LYS B 66 -1.53 -13.16 -28.26
CA LYS B 66 -2.68 -13.92 -27.71
C LYS B 66 -3.57 -13.01 -26.83
N PHE B 67 -2.95 -11.97 -26.25
CA PHE B 67 -3.63 -11.02 -25.37
C PHE B 67 -3.77 -9.63 -25.96
N ARG B 68 -3.88 -9.58 -27.29
CA ARG B 68 -4.04 -8.33 -28.04
C ARG B 68 -5.10 -7.43 -27.44
N THR B 69 -6.21 -8.00 -27.00
CA THR B 69 -7.36 -7.21 -26.54
C THR B 69 -7.69 -7.50 -25.06
N LEU B 70 -8.36 -6.57 -24.40
CA LEU B 70 -8.78 -6.84 -23.00
C LEU B 70 -9.72 -8.04 -22.96
N GLN B 71 -10.65 -8.04 -23.92
CA GLN B 71 -11.53 -9.18 -24.12
C GLN B 71 -10.72 -10.47 -24.35
N ASN B 72 -9.56 -10.40 -25.00
CA ASN B 72 -8.70 -11.57 -25.13
C ASN B 72 -8.18 -12.08 -23.83
N ILE B 73 -7.83 -11.16 -22.92
CA ILE B 73 -7.38 -11.57 -21.62
C ILE B 73 -8.46 -12.39 -20.97
N LEU B 74 -9.66 -11.84 -20.89
CA LEU B 74 -10.73 -12.61 -20.26
C LEU B 74 -10.96 -13.97 -20.96
N GLU B 75 -11.00 -13.99 -22.30
CA GLU B 75 -11.29 -15.26 -23.05
C GLU B 75 -10.27 -16.31 -22.75
N VAL B 76 -9.00 -15.89 -22.80
CA VAL B 76 -7.88 -16.84 -22.72
C VAL B 76 -7.76 -17.39 -21.32
N GLU B 77 -7.81 -16.49 -20.35
CA GLU B 77 -7.67 -16.89 -18.99
C GLU B 77 -8.84 -17.79 -18.62
N LYS B 78 -10.04 -17.49 -19.10
CA LYS B 78 -11.18 -18.39 -18.86
C LYS B 78 -10.76 -19.85 -19.15
N GLU B 79 -10.11 -20.05 -20.27
CA GLU B 79 -9.67 -21.42 -20.64
C GLU B 79 -8.49 -21.95 -19.85
N MET B 80 -7.54 -21.07 -19.55
CA MET B 80 -6.38 -21.51 -18.83
C MET B 80 -6.75 -22.06 -17.48
N TYR B 81 -7.60 -21.33 -16.75
CA TYR B 81 -7.74 -21.53 -15.32
C TYR B 81 -9.03 -22.19 -14.86
N GLY B 82 -9.94 -22.45 -15.79
CA GLY B 82 -11.07 -23.34 -15.49
C GLY B 82 -11.98 -22.80 -14.42
N ALA B 83 -12.29 -23.63 -13.41
CA ALA B 83 -13.17 -23.25 -12.29
C ALA B 83 -12.63 -22.10 -11.39
N GLU B 84 -11.33 -21.79 -11.45
CA GLU B 84 -10.78 -20.65 -10.66
C GLU B 84 -11.19 -19.28 -11.19
N TRP B 85 -11.33 -19.19 -12.51
CA TRP B 85 -11.67 -17.99 -13.21
C TRP B 85 -13.09 -17.61 -12.83
N PRO B 86 -13.39 -16.29 -12.68
CA PRO B 86 -12.56 -15.11 -13.00
C PRO B 86 -11.68 -14.57 -11.84
N LYS B 87 -11.65 -15.29 -10.73
CA LYS B 87 -10.85 -14.88 -9.59
C LYS B 87 -9.38 -15.22 -9.81
N VAL B 88 -8.78 -14.66 -10.84
CA VAL B 88 -7.43 -15.05 -11.18
C VAL B 88 -6.78 -14.07 -12.17
N GLY B 89 -5.45 -14.03 -12.12
CA GLY B 89 -4.61 -13.34 -13.09
C GLY B 89 -5.02 -11.92 -13.42
N ALA B 90 -4.90 -11.61 -14.70
CA ALA B 90 -5.20 -10.28 -15.18
C ALA B 90 -6.68 -9.98 -15.18
N THR B 91 -7.52 -11.01 -15.29
CA THR B 91 -8.95 -10.79 -15.20
C THR B 91 -9.29 -10.21 -13.82
N LEU B 92 -8.75 -10.81 -12.76
CA LEU B 92 -9.02 -10.28 -11.43
C LEU B 92 -8.39 -8.86 -11.27
N ALA B 93 -7.18 -8.71 -11.78
CA ALA B 93 -6.49 -7.45 -11.69
C ALA B 93 -7.27 -6.34 -12.36
N LEU B 94 -7.81 -6.59 -13.52
CA LEU B 94 -8.60 -5.59 -14.22
C LEU B 94 -9.98 -5.42 -13.56
N MET B 95 -10.51 -6.47 -12.93
CA MET B 95 -11.82 -6.35 -12.23
C MET B 95 -11.73 -5.25 -11.18
N TRP B 96 -10.58 -5.21 -10.49
CA TRP B 96 -10.33 -4.24 -9.43
C TRP B 96 -9.88 -2.94 -10.06
N LEU B 97 -9.02 -3.00 -11.08
CA LEU B 97 -8.61 -1.77 -11.73
C LEU B 97 -9.80 -0.95 -12.21
N LYS B 98 -10.74 -1.61 -12.88
CA LYS B 98 -11.87 -0.87 -13.41
C LYS B 98 -12.58 -0.06 -12.30
N ARG B 99 -12.64 -0.59 -11.08
CA ARG B 99 -13.33 0.09 -9.99
C ARG B 99 -12.56 1.34 -9.55
N GLY B 100 -11.25 1.28 -9.52
CA GLY B 100 -10.45 2.47 -9.19
C GLY B 100 -10.57 3.52 -10.31
N LEU B 101 -10.55 3.04 -11.54
CA LEU B 101 -10.69 3.95 -12.67
C LEU B 101 -12.05 4.61 -12.69
N ARG B 102 -13.09 3.86 -12.39
CA ARG B 102 -14.43 4.44 -12.27
C ARG B 102 -14.55 5.41 -11.12
N PHE B 103 -13.90 5.14 -9.99
CA PHE B 103 -13.77 6.13 -8.94
C PHE B 103 -13.21 7.47 -9.48
N ILE B 104 -12.15 7.41 -10.28
CA ILE B 104 -11.50 8.62 -10.79
C ILE B 104 -12.42 9.33 -11.82
N GLN B 105 -13.04 8.54 -12.67
CA GLN B 105 -14.08 9.03 -13.55
C GLN B 105 -15.20 9.78 -12.82
N VAL B 106 -15.92 9.10 -11.94
CA VAL B 106 -17.03 9.71 -11.22
C VAL B 106 -16.62 10.95 -10.45
N PHE B 107 -15.47 10.92 -9.82
CA PHE B 107 -15.02 11.97 -8.93
C PHE B 107 -14.67 13.27 -9.68
N LEU B 108 -13.94 13.17 -10.78
CA LEU B 108 -13.57 14.30 -11.59
C LEU B 108 -14.81 14.86 -12.28
N GLN B 109 -15.63 13.94 -12.82
CA GLN B 109 -16.87 14.28 -13.45
C GLN B 109 -17.72 15.08 -12.51
N SER B 110 -17.85 14.58 -11.29
CA SER B 110 -18.59 15.27 -10.28
C SER B 110 -18.04 16.69 -10.11
N ILE B 111 -16.78 16.79 -9.66
CA ILE B 111 -16.10 18.08 -9.45
C ILE B 111 -16.42 19.11 -10.52
N CYS B 112 -16.11 18.75 -11.76
CA CYS B 112 -16.39 19.50 -12.94
C CYS B 112 -17.83 20.03 -13.00
N ASP B 113 -18.79 19.13 -12.89
CA ASP B 113 -20.20 19.46 -12.86
C ASP B 113 -20.67 20.39 -11.69
N GLY B 114 -19.77 20.81 -10.81
CA GLY B 114 -20.15 21.38 -9.51
C GLY B 114 -20.25 20.30 -8.39
N GLU B 115 -21.49 20.00 -8.04
CA GLU B 115 -21.88 19.46 -6.74
C GLU B 115 -21.42 20.35 -5.54
N ARG B 116 -20.66 19.83 -4.57
CA ARG B 116 -20.19 20.69 -3.45
C ARG B 116 -21.18 20.75 -2.28
N ASP B 117 -20.70 21.15 -1.10
CA ASP B 117 -21.54 21.19 0.11
C ASP B 117 -21.93 22.60 0.63
N GLU B 118 -20.94 23.47 0.83
CA GLU B 118 -21.23 24.90 1.20
C GLU B 118 -22.03 25.19 2.49
N ASN B 119 -22.27 24.16 3.31
CA ASN B 119 -22.18 24.32 4.76
C ASN B 119 -20.73 24.05 5.20
N HIS B 120 -19.95 23.48 4.28
CA HIS B 120 -18.49 23.32 4.41
C HIS B 120 -17.93 23.51 2.98
N PRO B 121 -17.83 24.78 2.50
CA PRO B 121 -17.88 25.11 1.04
C PRO B 121 -16.87 24.49 0.04
N ASN B 122 -15.58 24.49 0.40
CA ASN B 122 -14.52 24.06 -0.54
C ASN B 122 -13.72 22.78 -0.14
N LEU B 123 -14.36 21.95 0.68
CA LEU B 123 -13.97 20.57 0.91
C LEU B 123 -14.55 19.69 -0.23
N ILE B 124 -13.80 18.67 -0.70
CA ILE B 124 -14.29 17.71 -1.72
C ILE B 124 -14.88 16.44 -1.13
N ARG B 125 -15.28 16.42 0.15
CA ARG B 125 -15.81 15.20 0.78
C ARG B 125 -16.96 14.62 -0.05
N VAL B 126 -17.85 15.50 -0.50
CA VAL B 126 -19.03 15.11 -1.28
C VAL B 126 -18.70 14.50 -2.66
N ASN B 127 -17.69 14.99 -3.35
CA ASN B 127 -17.33 14.46 -4.68
C ASN B 127 -16.61 13.08 -4.58
N ALA B 128 -15.68 12.97 -3.64
CA ALA B 128 -15.04 11.69 -3.34
C ALA B 128 -16.06 10.65 -2.87
N THR B 129 -17.00 11.11 -2.06
CA THR B 129 -18.03 10.25 -1.46
C THR B 129 -18.98 9.64 -2.53
N LYS B 130 -19.53 10.48 -3.41
CA LYS B 130 -20.31 10.02 -4.56
C LYS B 130 -19.47 8.96 -5.33
N ALA B 131 -18.23 9.34 -5.67
CA ALA B 131 -17.36 8.47 -6.43
C ALA B 131 -17.13 7.13 -5.68
N TYR B 132 -16.86 7.20 -4.39
CA TYR B 132 -16.69 5.98 -3.60
C TYR B 132 -17.93 5.10 -3.63
N GLU B 133 -19.08 5.72 -3.29
CA GLU B 133 -20.37 4.99 -3.34
C GLU B 133 -20.67 4.33 -4.67
N MET B 134 -20.43 5.05 -5.74
CA MET B 134 -20.77 4.48 -7.03
C MET B 134 -19.72 3.43 -7.56
N ALA B 135 -18.46 3.44 -7.08
CA ALA B 135 -17.39 2.59 -7.67
C ALA B 135 -16.91 1.44 -6.76
N LEU B 136 -16.78 1.71 -5.47
CA LEU B 136 -16.14 0.79 -4.54
C LEU B 136 -16.90 0.33 -3.30
N LYS B 137 -17.76 1.15 -2.74
CA LYS B 137 -18.35 0.85 -1.43
C LYS B 137 -18.93 -0.56 -1.32
N LYS B 138 -19.60 -0.98 -2.35
CA LYS B 138 -20.22 -2.32 -2.44
C LYS B 138 -19.21 -3.48 -2.26
N TYR B 139 -17.94 -3.27 -2.56
CA TYR B 139 -16.92 -4.29 -2.43
C TYR B 139 -16.03 -4.16 -1.19
N HIS B 140 -16.43 -3.28 -0.26
CA HIS B 140 -15.70 -3.06 0.94
C HIS B 140 -16.59 -3.32 2.18
N GLY B 141 -16.06 -4.11 3.13
CA GLY B 141 -16.68 -4.43 4.39
C GLY B 141 -16.57 -3.24 5.33
N TRP B 142 -17.19 -3.39 6.50
CA TRP B 142 -17.41 -2.23 7.35
C TRP B 142 -16.10 -1.58 7.83
N ILE B 143 -15.07 -2.37 8.07
CA ILE B 143 -13.74 -1.83 8.53
C ILE B 143 -13.03 -0.95 7.48
N VAL B 144 -12.96 -1.45 6.24
CA VAL B 144 -12.39 -0.65 5.17
C VAL B 144 -13.22 0.63 4.94
N GLN B 145 -14.53 0.54 5.08
CA GLN B 145 -15.37 1.75 4.86
C GLN B 145 -15.10 2.79 5.98
N LYS B 146 -14.87 2.29 7.17
CA LYS B 146 -14.54 3.14 8.31
C LYS B 146 -13.17 3.77 8.04
N ILE B 147 -12.30 3.02 7.38
CA ILE B 147 -10.99 3.53 7.04
C ILE B 147 -11.11 4.66 6.04
N PHE B 148 -11.95 4.46 5.00
CA PHE B 148 -12.28 5.50 4.00
C PHE B 148 -12.78 6.76 4.65
N GLN B 149 -13.66 6.61 5.63
CA GLN B 149 -14.19 7.77 6.37
C GLN B 149 -13.06 8.54 7.00
N ALA B 150 -12.12 7.85 7.66
CA ALA B 150 -11.02 8.57 8.36
C ALA B 150 -10.11 9.25 7.33
N ALA B 151 -9.92 8.59 6.17
CA ALA B 151 -9.03 9.08 5.12
C ALA B 151 -9.52 10.34 4.42
N LEU B 152 -10.84 10.53 4.29
CA LEU B 152 -11.36 11.82 3.79
C LEU B 152 -10.84 13.02 4.60
N TYR B 153 -10.57 12.84 5.88
CA TYR B 153 -10.03 13.99 6.66
C TYR B 153 -8.73 14.41 6.03
N ALA B 154 -8.07 13.52 5.27
CA ALA B 154 -6.84 13.95 4.67
C ALA B 154 -7.02 14.56 3.28
N ALA B 155 -8.23 14.66 2.80
CA ALA B 155 -8.47 15.13 1.44
C ALA B 155 -8.19 16.64 1.33
N PRO B 156 -7.59 17.07 0.22
CA PRO B 156 -7.28 18.46 0.03
C PRO B 156 -8.53 19.28 -0.28
N TYR B 157 -8.37 20.60 -0.16
CA TYR B 157 -9.31 21.52 -0.75
C TYR B 157 -9.16 21.45 -2.28
N LYS B 158 -10.30 21.70 -2.91
CA LYS B 158 -10.50 21.78 -4.36
C LYS B 158 -9.41 22.42 -5.24
N SER B 159 -8.93 23.58 -4.81
CA SER B 159 -8.10 24.43 -5.64
C SER B 159 -6.72 23.86 -5.74
N ASP B 160 -6.20 23.46 -4.58
CA ASP B 160 -4.93 22.76 -4.42
C ASP B 160 -4.90 21.57 -5.31
N PHE B 161 -6.01 20.82 -5.25
CA PHE B 161 -6.13 19.63 -6.01
C PHE B 161 -5.94 19.97 -7.48
N LEU B 162 -6.75 20.90 -7.98
CA LEU B 162 -6.65 21.32 -9.39
C LEU B 162 -5.27 21.91 -9.70
N LYS B 163 -4.79 22.78 -8.80
CA LYS B 163 -3.42 23.33 -8.87
C LYS B 163 -2.43 22.18 -9.09
N ALA B 164 -2.46 21.17 -8.21
CA ALA B 164 -1.54 20.05 -8.30
C ALA B 164 -1.71 19.24 -9.59
N LEU B 165 -2.94 19.13 -10.10
CA LEU B 165 -3.18 18.35 -11.30
C LEU B 165 -2.45 18.89 -12.53
N SER B 166 -2.48 20.21 -12.70
CA SER B 166 -1.81 20.87 -13.83
C SER B 166 -0.39 21.29 -13.47
N LYS B 167 -0.06 21.24 -12.18
CA LYS B 167 1.23 21.68 -11.63
C LYS B 167 2.32 21.94 -12.66
N GLY B 168 2.83 23.18 -12.69
CA GLY B 168 3.94 23.54 -13.57
C GLY B 168 3.56 24.09 -14.93
N GLN B 169 2.35 23.80 -15.40
CA GLN B 169 1.94 24.20 -16.74
C GLN B 169 1.38 25.62 -16.82
N ASN B 170 0.97 26.21 -15.69
CA ASN B 170 0.40 27.59 -15.69
C ASN B 170 -0.99 27.64 -16.36
N VAL B 171 -2.06 27.48 -15.57
CA VAL B 171 -3.45 27.44 -16.08
C VAL B 171 -4.42 28.07 -15.07
N THR B 172 -5.60 28.51 -15.48
CA THR B 172 -6.61 28.92 -14.51
C THR B 172 -7.38 27.69 -14.01
N GLU B 173 -8.23 27.90 -13.01
CA GLU B 173 -9.09 26.84 -12.50
C GLU B 173 -10.03 26.39 -13.61
N GLU B 174 -10.63 27.37 -14.29
CA GLU B 174 -11.53 27.10 -15.39
C GLU B 174 -10.82 26.28 -16.48
N GLU B 175 -9.63 26.73 -16.89
CA GLU B 175 -8.84 26.01 -17.92
C GLU B 175 -8.58 24.57 -17.45
N CYS B 176 -8.20 24.40 -16.19
CA CYS B 176 -7.93 23.06 -15.67
C CYS B 176 -9.13 22.17 -15.90
N LEU B 177 -10.27 22.62 -15.40
CA LEU B 177 -11.54 21.90 -15.51
C LEU B 177 -11.89 21.40 -16.90
N GLU B 178 -11.62 22.19 -17.94
CA GLU B 178 -12.04 21.83 -19.29
C GLU B 178 -11.06 20.86 -19.94
N LYS B 179 -9.83 20.91 -19.45
CA LYS B 179 -8.83 19.91 -19.82
C LYS B 179 -9.29 18.54 -19.34
N ILE B 180 -9.81 18.51 -18.11
CA ILE B 180 -10.31 17.31 -17.43
C ILE B 180 -11.53 16.78 -18.15
N ARG B 181 -12.41 17.71 -18.54
CA ARG B 181 -13.61 17.38 -19.30
C ARG B 181 -13.28 16.73 -20.63
N LEU B 182 -12.20 17.19 -21.23
CA LEU B 182 -11.78 16.69 -22.54
C LEU B 182 -11.31 15.24 -22.32
N PHE B 183 -10.36 15.09 -21.41
CA PHE B 183 -9.87 13.74 -20.94
C PHE B 183 -10.93 12.68 -20.71
N LEU B 184 -11.98 13.08 -19.99
CA LEU B 184 -13.08 12.23 -19.65
C LEU B 184 -13.83 11.58 -20.81
N VAL B 185 -13.82 12.17 -22.03
CA VAL B 185 -14.58 11.55 -23.10
C VAL B 185 -14.15 10.13 -23.48
N ASN B 186 -12.88 9.91 -23.86
CA ASN B 186 -12.50 8.54 -24.27
C ASN B 186 -12.28 7.63 -22.99
N TYR B 187 -11.89 8.25 -21.89
CA TYR B 187 -11.80 7.59 -20.56
C TYR B 187 -13.17 7.09 -20.08
N THR B 188 -14.17 7.98 -19.96
CA THR B 188 -15.50 7.50 -19.53
C THR B 188 -16.03 6.40 -20.47
N ALA B 189 -16.01 6.65 -21.77
CA ALA B 189 -16.43 5.66 -22.75
C ALA B 189 -15.67 4.33 -22.56
N THR B 190 -14.36 4.40 -22.32
CA THR B 190 -13.57 3.18 -22.22
C THR B 190 -13.95 2.38 -20.94
N ILE B 191 -14.16 3.08 -19.85
CA ILE B 191 -14.50 2.40 -18.63
C ILE B 191 -15.87 1.75 -18.71
N ASP B 192 -16.83 2.43 -19.36
CA ASP B 192 -18.18 1.87 -19.53
C ASP B 192 -18.11 0.56 -20.33
N VAL B 193 -17.22 0.52 -21.32
CA VAL B 193 -17.08 -0.67 -22.17
C VAL B 193 -16.48 -1.85 -21.40
N ILE B 194 -15.50 -1.54 -20.53
CA ILE B 194 -14.93 -2.56 -19.67
C ILE B 194 -15.95 -3.09 -18.71
N TYR B 195 -16.74 -2.21 -18.10
CA TYR B 195 -17.80 -2.73 -17.23
C TYR B 195 -18.76 -3.64 -18.02
N GLU B 196 -19.09 -3.25 -19.26
CA GLU B 196 -20.05 -4.02 -20.06
C GLU B 196 -19.51 -5.40 -20.37
N MET B 197 -18.21 -5.48 -20.64
CA MET B 197 -17.53 -6.71 -20.96
C MET B 197 -17.56 -7.64 -19.78
N TYR B 198 -17.32 -7.13 -18.57
CA TYR B 198 -17.36 -7.97 -17.39
C TYR B 198 -18.77 -8.56 -17.18
N THR B 199 -19.80 -7.75 -17.40
CA THR B 199 -21.18 -8.27 -17.28
C THR B 199 -21.45 -9.35 -18.36
N GLN B 200 -21.13 -9.08 -19.60
CA GLN B 200 -21.41 -10.01 -20.70
C GLN B 200 -20.68 -11.33 -20.52
N MET B 201 -19.40 -11.28 -20.11
CA MET B 201 -18.58 -12.49 -19.87
C MET B 201 -18.82 -13.13 -18.50
N ASN B 202 -19.74 -12.60 -17.71
CA ASN B 202 -19.99 -13.12 -16.38
C ASN B 202 -18.69 -13.25 -15.59
N ALA B 203 -17.88 -12.21 -15.66
CA ALA B 203 -16.57 -12.19 -15.06
C ALA B 203 -16.51 -11.33 -13.80
N GLU B 204 -17.62 -10.70 -13.44
CA GLU B 204 -17.69 -9.82 -12.30
C GLU B 204 -17.86 -10.65 -11.01
N LEU B 205 -17.16 -10.31 -9.94
CA LEU B 205 -17.36 -10.97 -8.63
C LEU B 205 -17.81 -9.87 -7.66
N ASN B 206 -18.46 -10.25 -6.59
CA ASN B 206 -19.02 -9.27 -5.67
C ASN B 206 -18.49 -9.45 -4.25
N TYR B 207 -17.44 -10.25 -4.09
CA TYR B 207 -16.88 -10.48 -2.78
C TYR B 207 -16.36 -9.14 -2.20
N LYS B 208 -16.33 -9.04 -0.88
CA LYS B 208 -15.93 -7.79 -0.25
C LYS B 208 -14.56 -7.94 0.41
N VAL B 209 -13.91 -6.82 0.57
CA VAL B 209 -12.66 -6.77 1.29
C VAL B 209 -12.92 -6.34 2.72
C17 CIS C . -11.11 2.42 0.76
C16 CIS C . -9.88 2.90 1.49
C15 CIS C . -9.81 4.41 1.57
C14 CIS C . -8.47 5.07 1.56
C13 CIS C . -7.33 4.20 2.07
C12 CIS C . -6.55 4.91 3.14
C11 CIS C . -5.36 4.03 3.45
C10 CIS C . -4.59 4.54 4.64
C9 CIS C . -3.49 3.62 5.04
C8 CIS C . -2.41 4.40 5.71
C7 CIS C . -1.43 3.56 6.52
C6 CIS C . -0.57 2.47 5.85
C5 CIS C . 0.71 2.18 6.67
C4 CIS C . 1.89 2.90 6.08
C3 CIS C . 2.35 4.03 6.59
C2 CIS C . 3.47 4.82 5.96
O1 CIS C . 2.94 6.08 5.43
C1 CIS C . 4.61 5.10 6.93
C CIS C . 5.65 5.96 6.24
O CIS C . 6.15 5.27 5.11
C43 CIS C . 7.41 5.62 4.73
C44 CIS C . 7.90 4.53 3.77
O3 CIS C . 8.13 3.33 4.52
O6 CIS C . 7.33 6.89 4.01
C47 CIS C . 8.60 7.39 3.70
C48 CIS C . 8.36 8.77 3.09
O7 CIS C . 8.10 9.75 4.12
C46 CIS C . 9.19 6.42 2.66
O5 CIS C . 8.38 6.50 1.48
C45 CIS C . 9.21 4.96 3.16
O4 CIS C . 9.56 4.05 2.12
S CIS C . 10.96 4.02 1.46
O10 CIS C . 11.99 4.68 2.26
O9 CIS C . 10.91 4.77 0.17
O8 CIS C . 11.38 2.63 1.28
N CIS C . 5.11 3.76 7.22
C18 CIS C . 4.96 3.23 8.44
O2 CIS C . 4.42 3.81 9.38
C19 CIS C . 5.40 1.80 8.64
C20 CIS C . 4.15 0.89 8.62
C21 CIS C . 3.61 0.87 10.07
C22 CIS C . 2.46 -0.07 10.44
C23 CIS C . 2.85 -1.06 11.55
C24 CIS C . 1.86 -1.13 12.72
C25 CIS C . 0.56 -1.74 12.32
C26 CIS C . 0.12 -2.73 13.34
C27 CIS C . -1.31 -3.13 13.12
C28 CIS C . -1.57 -4.47 13.77
C29 CIS C . -2.82 -4.43 14.61
C1 HEX D . 14.28 16.85 14.67
C2 HEX D . 14.52 15.93 13.49
C3 HEX D . 13.24 15.61 12.68
C4 HEX D . 13.20 16.22 11.28
C5 HEX D . 12.17 15.62 10.31
C6 HEX D . 12.40 16.01 8.84
C17 CIS E . -0.61 2.87 10.80
C16 CIS E . -2.02 2.41 10.56
C15 CIS E . -1.94 0.93 10.24
C14 CIS E . -3.24 0.36 9.72
C13 CIS E . -3.18 0.30 8.21
C12 CIS E . -4.55 0.06 7.65
C11 CIS E . -4.55 -0.14 6.17
C10 CIS E . -5.90 0.07 5.52
C9 CIS E . -5.88 -0.09 4.02
C8 CIS E . -7.27 -0.37 3.47
C7 CIS E . -7.45 -0.40 1.95
C6 CIS E . -6.43 0.30 1.06
C5 CIS E . -6.88 0.28 -0.41
C4 CIS E . -6.78 -1.11 -1.00
C3 CIS E . -7.79 -1.98 -0.99
C2 CIS E . -7.67 -3.39 -1.55
O1 CIS E . -7.76 -4.34 -0.45
C1 CIS E . -8.79 -3.67 -2.52
C CIS E . -8.82 -5.08 -3.13
O CIS E . -7.55 -5.25 -3.70
C43 CIS E . -7.49 -6.32 -4.61
C44 CIS E . -6.22 -6.16 -5.41
O3 CIS E . -6.30 -4.96 -6.22
O6 CIS E . -7.48 -7.51 -3.88
C47 CIS E . -7.43 -8.68 -4.74
C48 CIS E . -7.55 -9.90 -3.84
O7 CIS E . -8.93 -10.11 -3.47
C46 CIS E . -6.13 -8.69 -5.60
O5 CIS E . -4.98 -8.90 -4.70
C45 CIS E . -6.01 -7.36 -6.35
O4 CIS E . -4.75 -7.19 -7.00
S CIS E . -4.34 -8.07 -8.27
O10 CIS E . -5.54 -8.61 -8.89
O9 CIS E . -3.55 -9.15 -7.69
O8 CIS E . -3.53 -7.19 -9.13
N CIS E . -8.61 -2.75 -3.64
C18 CIS E . -9.49 -1.76 -3.78
O2 CIS E . -10.48 -1.58 -3.03
C19 CIS E . -9.31 -0.77 -4.89
C20 CIS E . -8.30 0.26 -4.48
C21 CIS E . -8.94 1.24 -3.47
C22 CIS E . -9.49 2.42 -4.25
C23 CIS E . -10.10 3.43 -3.30
C24 CIS E . -10.72 4.56 -4.14
C25 CIS E . -11.23 5.64 -3.22
C26 CIS E . -10.08 6.46 -2.71
C27 CIS E . -10.55 7.65 -1.89
C28 CIS E . -9.87 8.91 -2.38
C29 CIS E . -10.51 10.19 -1.83
#